data_2ESY
#
_entry.id   2ESY
#
_cell.length_a   1.000
_cell.length_b   1.000
_cell.length_c   1.000
_cell.angle_alpha   90.00
_cell.angle_beta   90.00
_cell.angle_gamma   90.00
#
_symmetry.space_group_name_H-M   'P 1'
#
_entity_poly.entity_id   1
_entity_poly.type   'polypeptide(L)'
_entity_poly.pdbx_seq_one_letter_code
;SPPDYSAAPRGRFGIPFFPVHLKRLLILLLL(NH2)
;
_entity_poly.pdbx_strand_id   A
#
# COMPACT_ATOMS: atom_id res chain seq x y z
N SER A 1 0.18 9.39 26.10
CA SER A 1 -0.65 8.17 26.21
C SER A 1 0.22 7.06 26.81
N PRO A 2 -0.33 5.86 27.07
CA PRO A 2 0.48 4.64 26.95
C PRO A 2 1.00 4.51 25.51
N PRO A 3 1.93 3.58 25.23
CA PRO A 3 2.37 3.30 23.87
C PRO A 3 1.22 2.66 23.08
N ASP A 4 1.38 2.61 21.76
CA ASP A 4 0.39 2.14 20.80
C ASP A 4 0.95 0.94 20.03
N TYR A 5 0.23 0.51 18.99
CA TYR A 5 0.49 -0.69 18.20
C TYR A 5 0.37 -0.44 16.68
N SER A 6 0.49 0.80 16.21
CA SER A 6 0.28 1.19 14.81
C SER A 6 1.29 0.59 13.81
N ALA A 7 2.20 -0.29 14.24
CA ALA A 7 3.11 -1.02 13.37
C ALA A 7 2.28 -2.02 12.54
N ALA A 8 1.72 -1.52 11.44
CA ALA A 8 0.77 -2.22 10.57
C ALA A 8 1.19 -3.67 10.29
N PRO A 9 0.35 -4.67 10.64
CA PRO A 9 0.66 -6.06 10.37
C PRO A 9 0.69 -6.32 8.86
N ARG A 10 1.29 -7.43 8.46
CA ARG A 10 1.42 -7.87 7.08
C ARG A 10 1.60 -9.38 7.08
N GLY A 11 1.23 -10.05 5.98
CA GLY A 11 1.32 -11.50 5.84
C GLY A 11 0.35 -12.30 6.70
N ARG A 12 -0.48 -11.63 7.51
CA ARG A 12 -1.57 -12.12 8.33
C ARG A 12 -2.37 -10.85 8.55
N PHE A 13 -3.58 -10.83 8.01
CA PHE A 13 -4.64 -9.82 8.15
C PHE A 13 -4.07 -8.44 8.44
N GLY A 14 -3.52 -7.78 7.42
CA GLY A 14 -2.83 -6.52 7.60
C GLY A 14 -2.81 -5.68 6.33
N ILE A 15 -2.11 -4.55 6.41
CA ILE A 15 -2.06 -3.52 5.37
C ILE A 15 -0.65 -3.45 4.79
N PRO A 16 -0.37 -4.16 3.68
CA PRO A 16 0.89 -4.02 2.99
C PRO A 16 0.79 -2.70 2.21
N PHE A 17 1.73 -2.43 1.30
CA PHE A 17 1.72 -1.26 0.41
C PHE A 17 0.55 -1.23 -0.60
N PHE A 18 -0.55 -1.98 -0.37
CA PHE A 18 -1.65 -2.13 -1.31
C PHE A 18 -2.17 -0.80 -1.89
N PRO A 19 -2.39 0.30 -1.12
CA PRO A 19 -3.00 1.51 -1.68
C PRO A 19 -2.13 2.23 -2.71
N VAL A 20 -0.87 1.86 -2.89
CA VAL A 20 0.00 2.39 -3.95
C VAL A 20 -0.64 2.26 -5.31
N HIS A 21 -0.89 1.02 -5.73
CA HIS A 21 -1.37 0.64 -7.03
C HIS A 21 -2.69 1.33 -7.36
N LEU A 22 -3.58 1.38 -6.37
CA LEU A 22 -4.88 2.02 -6.45
C LEU A 22 -4.74 3.53 -6.51
N LYS A 23 -3.95 4.17 -5.64
CA LYS A 23 -3.76 5.62 -5.74
C LYS A 23 -3.07 5.97 -7.05
N ARG A 24 -2.24 5.07 -7.59
CA ARG A 24 -1.60 5.25 -8.90
C ARG A 24 -2.67 5.23 -10.00
N LEU A 25 -3.74 4.45 -9.85
CA LEU A 25 -4.86 4.47 -10.79
C LEU A 25 -5.48 5.86 -10.75
N LEU A 26 -5.79 6.36 -9.55
CA LEU A 26 -6.42 7.68 -9.38
C LEU A 26 -5.52 8.81 -9.92
N ILE A 27 -4.22 8.76 -9.65
CA ILE A 27 -3.26 9.74 -10.16
C ILE A 27 -3.25 9.69 -11.69
N LEU A 28 -3.27 8.51 -12.30
CA LEU A 28 -3.33 8.38 -13.75
C LEU A 28 -4.64 8.94 -14.30
N LEU A 29 -5.76 8.59 -13.70
CA LEU A 29 -7.07 9.15 -14.05
C LEU A 29 -6.99 10.68 -14.07
N LEU A 30 -6.46 11.29 -13.02
CA LEU A 30 -6.24 12.74 -12.94
C LEU A 30 -5.30 13.24 -14.04
N LEU A 31 -4.23 12.50 -14.31
CA LEU A 31 -3.28 12.75 -15.41
C LEU A 31 -3.93 12.61 -16.79
N SER A 1 23.42 -2.59 2.79
CA SER A 1 22.61 -3.14 3.88
C SER A 1 21.82 -4.34 3.35
N PRO A 2 21.07 -5.07 4.18
CA PRO A 2 19.83 -5.71 3.70
C PRO A 2 18.87 -4.63 3.16
N PRO A 3 17.81 -5.01 2.42
CA PRO A 3 16.79 -4.09 1.97
C PRO A 3 15.92 -3.63 3.16
N ASP A 4 15.09 -2.62 2.91
CA ASP A 4 14.11 -2.01 3.83
C ASP A 4 12.76 -2.74 3.78
N TYR A 5 12.76 -4.02 3.37
CA TYR A 5 11.65 -4.94 3.10
C TYR A 5 10.61 -5.21 4.21
N SER A 6 10.57 -4.37 5.25
CA SER A 6 9.76 -4.34 6.47
C SER A 6 8.23 -4.24 6.25
N ALA A 7 7.70 -4.70 5.11
CA ALA A 7 6.30 -4.57 4.75
C ALA A 7 5.41 -5.26 5.79
N ALA A 8 4.29 -4.60 6.12
CA ALA A 8 3.27 -5.14 7.01
C ALA A 8 2.75 -6.49 6.49
N PRO A 9 2.24 -7.37 7.37
CA PRO A 9 1.85 -8.71 6.98
C PRO A 9 0.68 -8.71 5.99
N ARG A 10 0.49 -9.84 5.32
CA ARG A 10 -0.60 -10.06 4.38
C ARG A 10 -1.12 -11.47 4.57
N GLY A 11 -2.43 -11.66 4.42
CA GLY A 11 -3.08 -12.94 4.70
C GLY A 11 -3.29 -13.17 6.20
N ARG A 12 -2.88 -12.22 7.05
CA ARG A 12 -3.09 -12.16 8.48
C ARG A 12 -3.03 -10.68 8.83
N PHE A 13 -4.22 -10.07 8.98
CA PHE A 13 -4.49 -8.71 9.44
C PHE A 13 -3.33 -7.71 9.24
N GLY A 14 -3.10 -7.26 8.01
CA GLY A 14 -2.12 -6.24 7.72
C GLY A 14 -2.39 -5.60 6.36
N ILE A 15 -1.75 -4.46 6.13
CA ILE A 15 -1.92 -3.59 4.97
C ILE A 15 -0.50 -3.21 4.54
N PRO A 16 0.11 -3.96 3.61
CA PRO A 16 1.39 -3.59 3.04
C PRO A 16 1.14 -2.38 2.11
N PHE A 17 2.12 -2.02 1.29
CA PHE A 17 2.05 -0.96 0.29
C PHE A 17 0.97 -1.16 -0.80
N PHE A 18 -0.01 -2.06 -0.63
CA PHE A 18 -0.99 -2.40 -1.65
C PHE A 18 -1.69 -1.15 -2.22
N PRO A 19 -2.10 -0.12 -1.44
CA PRO A 19 -2.85 1.00 -2.01
C PRO A 19 -2.01 1.88 -2.96
N VAL A 20 -0.69 1.71 -3.06
CA VAL A 20 0.15 2.41 -4.03
C VAL A 20 -0.39 2.22 -5.43
N HIS A 21 -0.49 0.96 -5.86
CA HIS A 21 -0.87 0.59 -7.21
C HIS A 21 -2.26 1.09 -7.58
N LEU A 22 -3.16 1.14 -6.60
CA LEU A 22 -4.53 1.63 -6.74
C LEU A 22 -4.55 3.15 -6.77
N LYS A 23 -3.91 3.85 -5.83
CA LYS A 23 -3.85 5.31 -5.87
C LYS A 23 -3.12 5.77 -7.13
N ARG A 24 -2.20 4.98 -7.69
CA ARG A 24 -1.54 5.29 -8.95
C ARG A 24 -2.57 5.32 -10.08
N LEU A 25 -3.57 4.44 -10.07
CA LEU A 25 -4.66 4.46 -11.04
C LEU A 25 -5.39 5.79 -10.92
N LEU A 26 -5.75 6.17 -9.69
CA LEU A 26 -6.48 7.42 -9.44
C LEU A 26 -5.67 8.66 -9.85
N ILE A 27 -4.37 8.68 -9.54
CA ILE A 27 -3.48 9.78 -9.92
C ILE A 27 -3.42 9.87 -11.45
N LEU A 28 -3.29 8.74 -12.15
CA LEU A 28 -3.29 8.75 -13.61
C LEU A 28 -4.63 9.23 -14.18
N LEU A 29 -5.75 8.71 -13.65
CA LEU A 29 -7.08 9.18 -14.03
C LEU A 29 -7.15 10.71 -13.90
N LEU A 30 -6.72 11.27 -12.78
CA LEU A 30 -6.66 12.71 -12.56
C LEU A 30 -5.73 13.41 -13.57
N LEU A 31 -4.59 12.79 -13.87
CA LEU A 31 -3.64 13.23 -14.89
C LEU A 31 -4.24 13.20 -16.31
N SER A 1 6.49 -3.18 -20.67
CA SER A 1 6.70 -4.11 -19.55
C SER A 1 5.38 -4.84 -19.26
N PRO A 2 5.34 -5.81 -18.34
CA PRO A 2 4.11 -6.06 -17.59
C PRO A 2 3.70 -4.79 -16.80
N PRO A 3 2.46 -4.74 -16.28
CA PRO A 3 1.99 -3.66 -15.42
C PRO A 3 2.61 -3.79 -14.02
N ASP A 4 2.21 -2.90 -13.10
CA ASP A 4 2.59 -2.96 -11.71
C ASP A 4 1.99 -4.25 -11.16
N TYR A 5 2.85 -5.01 -10.51
CA TYR A 5 2.66 -6.35 -9.99
C TYR A 5 1.32 -6.55 -9.26
N SER A 6 0.36 -7.16 -9.95
CA SER A 6 -0.96 -7.55 -9.45
C SER A 6 -0.90 -8.45 -8.21
N ALA A 7 0.25 -9.05 -7.90
CA ALA A 7 0.52 -9.85 -6.71
C ALA A 7 0.73 -9.03 -5.44
N ALA A 8 0.73 -7.69 -5.51
CA ALA A 8 1.05 -6.79 -4.40
C ALA A 8 0.31 -7.19 -3.11
N PRO A 9 1.01 -7.33 -1.96
CA PRO A 9 0.40 -7.80 -0.73
C PRO A 9 -0.69 -6.81 -0.29
N ARG A 10 -1.85 -7.32 0.09
CA ARG A 10 -3.01 -6.50 0.43
C ARG A 10 -3.93 -7.31 1.33
N GLY A 11 -4.42 -6.67 2.38
CA GLY A 11 -5.38 -7.14 3.36
C GLY A 11 -5.09 -8.57 3.82
N ARG A 12 -4.34 -8.69 4.91
CA ARG A 12 -4.01 -9.93 5.59
C ARG A 12 -3.57 -9.51 6.98
N PHE A 13 -4.52 -9.44 7.93
CA PHE A 13 -4.36 -9.03 9.32
C PHE A 13 -3.41 -7.83 9.50
N GLY A 14 -3.44 -6.88 8.57
CA GLY A 14 -2.54 -5.75 8.52
C GLY A 14 -2.71 -5.02 7.19
N ILE A 15 -2.05 -3.88 7.11
CA ILE A 15 -2.11 -2.91 6.02
C ILE A 15 -0.67 -2.66 5.58
N PRO A 16 -0.16 -3.41 4.59
CA PRO A 16 1.14 -3.14 4.02
C PRO A 16 0.99 -1.90 3.12
N PHE A 17 1.99 -1.59 2.30
CA PHE A 17 1.99 -0.49 1.33
C PHE A 17 0.91 -0.59 0.23
N PHE A 18 -0.11 -1.44 0.37
CA PHE A 18 -1.11 -1.74 -0.63
C PHE A 18 -1.72 -0.46 -1.27
N PRO A 19 -2.06 0.63 -0.54
CA PRO A 19 -2.67 1.81 -1.16
C PRO A 19 -1.80 2.49 -2.22
N VAL A 20 -0.50 2.17 -2.36
CA VAL A 20 0.36 2.67 -3.42
C VAL A 20 -0.29 2.45 -4.78
N HIS A 21 -0.56 1.19 -5.08
CA HIS A 21 -1.07 0.72 -6.35
C HIS A 21 -2.41 1.37 -6.68
N LEU A 22 -3.25 1.55 -5.67
CA LEU A 22 -4.57 2.13 -5.85
C LEU A 22 -4.49 3.65 -5.97
N LYS A 23 -3.62 4.33 -5.20
CA LYS A 23 -3.43 5.76 -5.40
C LYS A 23 -2.80 5.96 -6.77
N ARG A 24 -2.02 5.00 -7.26
CA ARG A 24 -1.47 5.00 -8.61
C ARG A 24 -2.58 4.79 -9.64
N LEU A 25 -3.60 3.98 -9.34
CA LEU A 25 -4.78 3.82 -10.18
C LEU A 25 -5.47 5.17 -10.29
N LEU A 26 -5.72 5.82 -9.16
CA LEU A 26 -6.34 7.15 -9.09
C LEU A 26 -5.55 8.19 -9.87
N ILE A 27 -4.22 8.24 -9.69
CA ILE A 27 -3.34 9.15 -10.40
C ILE A 27 -3.46 8.90 -11.91
N LEU A 28 -3.49 7.64 -12.35
CA LEU A 28 -3.71 7.32 -13.76
C LEU A 28 -5.09 7.80 -14.22
N LEU A 29 -6.15 7.50 -13.48
CA LEU A 29 -7.50 8.00 -13.79
C LEU A 29 -7.50 9.53 -13.97
N LEU A 30 -6.78 10.26 -13.13
CA LEU A 30 -6.62 11.71 -13.23
C LEU A 30 -5.80 12.10 -14.46
N LEU A 31 -4.68 11.41 -14.70
CA LEU A 31 -3.71 11.70 -15.74
C LEU A 31 -3.29 10.41 -16.43
N SER A 1 19.67 4.69 16.43
CA SER A 1 19.00 3.51 17.00
C SER A 1 19.52 2.26 16.28
N PRO A 2 19.12 1.04 16.69
CA PRO A 2 18.98 -0.05 15.73
C PRO A 2 17.91 0.32 14.68
N PRO A 3 17.76 -0.46 13.60
CA PRO A 3 16.69 -0.26 12.64
C PRO A 3 15.32 -0.55 13.28
N ASP A 4 14.26 -0.20 12.55
CA ASP A 4 12.86 -0.33 12.92
C ASP A 4 12.26 -1.57 12.26
N TYR A 5 10.93 -1.68 12.28
CA TYR A 5 10.16 -2.82 11.82
C TYR A 5 9.03 -2.47 10.84
N SER A 6 9.11 -1.34 10.11
CA SER A 6 8.07 -0.86 9.18
C SER A 6 7.70 -1.80 8.02
N ALA A 7 8.23 -3.03 7.96
CA ALA A 7 7.84 -4.05 6.99
C ALA A 7 6.45 -4.57 7.43
N ALA A 8 5.43 -3.73 7.20
CA ALA A 8 4.05 -3.89 7.62
C ALA A 8 3.49 -5.31 7.42
N PRO A 9 2.57 -5.76 8.30
CA PRO A 9 2.06 -7.13 8.26
C PRO A 9 1.31 -7.40 6.96
N ARG A 10 1.37 -8.66 6.53
CA ARG A 10 0.73 -9.21 5.35
C ARG A 10 0.70 -10.72 5.49
N GLY A 11 -0.22 -11.38 4.78
CA GLY A 11 -0.46 -12.82 4.89
C GLY A 11 -1.15 -13.25 6.19
N ARG A 12 -1.39 -12.31 7.10
CA ARG A 12 -2.13 -12.43 8.35
C ARG A 12 -2.50 -10.99 8.67
N PHE A 13 -3.79 -10.67 8.51
CA PHE A 13 -4.48 -9.43 8.85
C PHE A 13 -3.56 -8.20 8.93
N GLY A 14 -3.16 -7.67 7.77
CA GLY A 14 -2.27 -6.53 7.72
C GLY A 14 -2.45 -5.76 6.42
N ILE A 15 -1.86 -4.56 6.39
CA ILE A 15 -1.98 -3.58 5.32
C ILE A 15 -0.57 -3.29 4.84
N PRO A 16 -0.10 -3.95 3.76
CA PRO A 16 1.17 -3.60 3.16
C PRO A 16 0.95 -2.29 2.38
N PHE A 17 1.91 -1.88 1.56
CA PHE A 17 1.82 -0.72 0.66
C PHE A 17 0.73 -0.82 -0.42
N PHE A 18 -0.28 -1.69 -0.29
CA PHE A 18 -1.30 -1.96 -1.29
C PHE A 18 -1.94 -0.67 -1.86
N PRO A 19 -2.27 0.40 -1.08
CA PRO A 19 -2.91 1.58 -1.65
C PRO A 19 -2.09 2.31 -2.71
N VAL A 20 -0.78 2.03 -2.85
CA VAL A 20 0.06 2.58 -3.93
C VAL A 20 -0.58 2.32 -5.28
N HIS A 21 -0.82 1.05 -5.59
CA HIS A 21 -1.31 0.61 -6.88
C HIS A 21 -2.68 1.21 -7.22
N LEU A 22 -3.51 1.41 -6.21
CA LEU A 22 -4.83 2.01 -6.33
C LEU A 22 -4.72 3.52 -6.49
N LYS A 23 -3.96 4.23 -5.64
CA LYS A 23 -3.77 5.66 -5.81
C LYS A 23 -3.09 5.95 -7.15
N ARG A 24 -2.28 5.03 -7.68
CA ARG A 24 -1.69 5.16 -9.01
C ARG A 24 -2.77 5.20 -10.07
N LEU A 25 -3.85 4.42 -9.93
CA LEU A 25 -4.95 4.46 -10.88
C LEU A 25 -5.61 5.83 -10.84
N LEU A 26 -5.85 6.34 -9.63
CA LEU A 26 -6.44 7.67 -9.44
C LEU A 26 -5.55 8.77 -10.02
N ILE A 27 -4.23 8.70 -9.79
CA ILE A 27 -3.26 9.65 -10.34
C ILE A 27 -3.32 9.59 -11.87
N LEU A 28 -3.35 8.40 -12.47
CA LEU A 28 -3.51 8.24 -13.90
C LEU A 28 -4.82 8.86 -14.38
N LEU A 29 -5.95 8.56 -13.73
CA LEU A 29 -7.23 9.16 -14.09
C LEU A 29 -7.18 10.69 -14.08
N LEU A 30 -6.42 11.30 -13.16
CA LEU A 30 -6.20 12.74 -13.14
C LEU A 30 -5.28 13.19 -14.26
N LEU A 31 -4.17 12.47 -14.48
CA LEU A 31 -3.11 12.78 -15.41
C LEU A 31 -2.68 11.52 -16.15
N SER A 1 13.74 -8.42 21.16
CA SER A 1 12.28 -8.57 21.28
C SER A 1 11.83 -9.68 20.33
N PRO A 2 10.54 -10.06 20.32
CA PRO A 2 9.91 -10.54 19.08
C PRO A 2 9.99 -9.45 17.99
N PRO A 3 9.63 -9.75 16.73
CA PRO A 3 9.54 -8.74 15.68
C PRO A 3 8.45 -7.72 16.01
N ASP A 4 8.46 -6.59 15.32
CA ASP A 4 7.58 -5.47 15.55
C ASP A 4 6.27 -5.64 14.79
N TYR A 5 5.39 -4.73 15.15
CA TYR A 5 4.08 -4.41 14.65
C TYR A 5 3.96 -2.87 14.56
N SER A 6 5.06 -2.13 14.77
CA SER A 6 5.12 -0.67 14.69
C SER A 6 4.84 -0.25 13.25
N ALA A 7 5.35 -1.05 12.31
CA ALA A 7 5.08 -0.89 10.90
C ALA A 7 3.83 -1.77 10.72
N ALA A 8 2.84 -1.27 9.96
CA ALA A 8 1.54 -1.92 9.81
C ALA A 8 1.65 -3.44 9.60
N PRO A 9 0.74 -4.23 10.21
CA PRO A 9 0.79 -5.69 10.13
C PRO A 9 0.83 -6.11 8.67
N ARG A 10 1.73 -7.05 8.35
CA ARG A 10 2.01 -7.47 6.98
C ARG A 10 2.01 -8.98 6.90
N GLY A 11 1.42 -9.51 5.83
CA GLY A 11 1.38 -10.95 5.53
C GLY A 11 0.56 -11.80 6.51
N ARG A 12 -0.08 -11.18 7.49
CA ARG A 12 -0.92 -11.77 8.52
C ARG A 12 -1.80 -10.60 8.93
N PHE A 13 -3.08 -10.71 8.56
CA PHE A 13 -4.21 -9.85 8.90
C PHE A 13 -3.81 -8.38 9.09
N GLY A 14 -3.55 -7.68 7.98
CA GLY A 14 -3.06 -6.33 8.05
C GLY A 14 -3.12 -5.62 6.71
N ILE A 15 -2.55 -4.42 6.67
CA ILE A 15 -2.58 -3.48 5.56
C ILE A 15 -1.17 -3.40 4.96
N PRO A 16 -0.90 -4.14 3.87
CA PRO A 16 0.37 -4.00 3.17
C PRO A 16 0.27 -2.70 2.36
N PHE A 17 1.21 -2.46 1.44
CA PHE A 17 1.23 -1.34 0.51
C PHE A 17 0.05 -1.32 -0.49
N PHE A 18 -1.07 -1.99 -0.23
CA PHE A 18 -2.19 -2.15 -1.17
C PHE A 18 -2.63 -0.80 -1.77
N PRO A 19 -2.78 0.34 -1.04
CA PRO A 19 -3.32 1.55 -1.63
C PRO A 19 -2.42 2.20 -2.70
N VAL A 20 -1.17 1.78 -2.85
CA VAL A 20 -0.27 2.24 -3.91
C VAL A 20 -0.92 2.14 -5.27
N HIS A 21 -1.26 0.93 -5.67
CA HIS A 21 -1.78 0.58 -6.98
C HIS A 21 -3.04 1.36 -7.32
N LEU A 22 -3.91 1.50 -6.32
CA LEU A 22 -5.17 2.24 -6.39
C LEU A 22 -4.92 3.74 -6.47
N LYS A 23 -4.09 4.33 -5.61
CA LYS A 23 -3.78 5.75 -5.74
C LYS A 23 -3.08 6.01 -7.07
N ARG A 24 -2.31 5.06 -7.58
CA ARG A 24 -1.68 5.15 -8.89
C ARG A 24 -2.74 5.17 -9.99
N LEU A 25 -3.86 4.47 -9.81
CA LEU A 25 -4.98 4.54 -10.76
C LEU A 25 -5.49 5.98 -10.77
N LEU A 26 -5.73 6.55 -9.59
CA LEU A 26 -6.24 7.93 -9.49
C LEU A 26 -5.24 8.95 -10.04
N ILE A 27 -3.94 8.76 -9.80
CA ILE A 27 -2.90 9.62 -10.37
C ILE A 27 -2.96 9.55 -11.89
N LEU A 28 -3.06 8.35 -12.48
CA LEU A 28 -3.20 8.20 -13.93
C LEU A 28 -4.48 8.86 -14.43
N LEU A 29 -5.61 8.64 -13.78
CA LEU A 29 -6.87 9.28 -14.15
C LEU A 29 -6.74 10.81 -14.19
N LEU A 30 -5.97 11.40 -13.27
CA LEU A 30 -5.69 12.84 -13.28
C LEU A 30 -4.69 13.22 -14.38
N LEU A 31 -3.62 12.43 -14.54
CA LEU A 31 -2.50 12.66 -15.42
C LEU A 31 -2.20 11.39 -16.21
N SER A 1 9.13 -1.84 20.61
CA SER A 1 10.17 -2.30 19.67
C SER A 1 11.05 -1.10 19.30
N PRO A 2 12.02 -1.23 18.37
CA PRO A 2 12.41 -0.11 17.50
C PRO A 2 11.18 0.49 16.79
N PRO A 3 11.29 1.58 16.00
CA PRO A 3 10.19 2.12 15.20
C PRO A 3 9.86 1.22 13.99
N ASP A 4 9.75 -0.09 14.20
CA ASP A 4 9.51 -1.12 13.19
C ASP A 4 8.02 -1.28 12.85
N TYR A 5 7.23 -0.23 13.06
CA TYR A 5 5.79 -0.21 12.76
C TYR A 5 5.52 -0.44 11.26
N SER A 6 6.51 -0.20 10.40
CA SER A 6 6.44 -0.46 8.97
C SER A 6 6.41 -1.96 8.63
N ALA A 7 6.61 -2.86 9.60
CA ALA A 7 6.50 -4.32 9.45
C ALA A 7 5.04 -4.79 9.31
N ALA A 8 4.18 -4.02 8.63
CA ALA A 8 2.78 -4.33 8.40
C ALA A 8 2.67 -5.74 7.81
N PRO A 9 1.98 -6.68 8.49
CA PRO A 9 1.94 -8.06 8.05
C PRO A 9 1.17 -8.23 6.74
N ARG A 10 1.39 -9.36 6.08
CA ARG A 10 0.76 -9.73 4.83
C ARG A 10 0.32 -11.19 4.94
N GLY A 11 -0.88 -11.50 4.43
CA GLY A 11 -1.48 -12.81 4.58
C GLY A 11 -2.03 -13.08 5.99
N ARG A 12 -1.92 -12.13 6.90
CA ARG A 12 -2.48 -12.16 8.25
C ARG A 12 -2.80 -10.70 8.58
N PHE A 13 -4.05 -10.31 8.36
CA PHE A 13 -4.68 -9.02 8.68
C PHE A 13 -3.69 -7.85 8.83
N GLY A 14 -3.20 -7.33 7.70
CA GLY A 14 -2.34 -6.16 7.68
C GLY A 14 -2.44 -5.45 6.33
N ILE A 15 -1.85 -4.27 6.25
CA ILE A 15 -1.93 -3.36 5.11
C ILE A 15 -0.49 -3.05 4.69
N PRO A 16 0.10 -3.86 3.81
CA PRO A 16 1.40 -3.57 3.24
C PRO A 16 1.20 -2.42 2.24
N PHE A 17 2.18 -2.14 1.38
CA PHE A 17 2.13 -1.08 0.37
C PHE A 17 1.03 -1.25 -0.71
N PHE A 18 0.03 -2.11 -0.53
CA PHE A 18 -0.99 -2.42 -1.52
C PHE A 18 -1.67 -1.16 -2.08
N PRO A 19 -2.03 -0.11 -1.29
CA PRO A 19 -2.75 1.03 -1.84
C PRO A 19 -1.94 1.85 -2.84
N VAL A 20 -0.64 1.63 -3.02
CA VAL A 20 0.18 2.28 -4.04
C VAL A 20 -0.46 2.09 -5.41
N HIS A 21 -0.64 0.84 -5.82
CA HIS A 21 -1.11 0.47 -7.14
C HIS A 21 -2.51 1.04 -7.43
N LEU A 22 -3.34 1.14 -6.40
CA LEU A 22 -4.69 1.68 -6.45
C LEU A 22 -4.64 3.21 -6.52
N LYS A 23 -3.90 3.89 -5.63
CA LYS A 23 -3.75 5.35 -5.70
C LYS A 23 -3.11 5.75 -7.02
N ARG A 24 -2.26 4.90 -7.62
CA ARG A 24 -1.67 5.12 -8.94
C ARG A 24 -2.76 5.16 -10.00
N LEU A 25 -3.80 4.33 -9.90
CA LEU A 25 -4.92 4.37 -10.83
C LEU A 25 -5.57 5.74 -10.75
N LEU A 26 -5.84 6.21 -9.52
CA LEU A 26 -6.47 7.51 -9.31
C LEU A 26 -5.58 8.66 -9.81
N ILE A 27 -4.27 8.60 -9.58
CA ILE A 27 -3.32 9.58 -10.08
C ILE A 27 -3.40 9.62 -11.61
N LEU A 28 -3.38 8.46 -12.28
CA LEU A 28 -3.51 8.39 -13.73
C LEU A 28 -4.85 8.97 -14.18
N LEU A 29 -5.96 8.59 -13.56
CA LEU A 29 -7.27 9.14 -13.87
C LEU A 29 -7.28 10.67 -13.80
N LEU A 30 -6.58 11.26 -12.83
CA LEU A 30 -6.43 12.72 -12.73
C LEU A 30 -5.50 13.26 -13.82
N LEU A 31 -4.36 12.61 -14.04
CA LEU A 31 -3.29 13.02 -14.92
C LEU A 31 -2.79 11.82 -15.73
N SER A 1 15.95 5.60 7.44
CA SER A 1 15.71 5.60 5.99
C SER A 1 14.47 6.44 5.71
N PRO A 2 14.09 6.67 4.44
CA PRO A 2 12.67 6.84 4.11
C PRO A 2 11.91 5.55 4.50
N PRO A 3 10.57 5.59 4.57
CA PRO A 3 9.78 4.38 4.80
C PRO A 3 9.83 3.49 3.56
N ASP A 4 9.54 2.21 3.74
CA ASP A 4 9.47 1.19 2.69
C ASP A 4 8.04 0.61 2.69
N TYR A 5 7.88 -0.62 2.18
CA TYR A 5 6.59 -1.29 2.05
C TYR A 5 6.30 -2.32 3.16
N SER A 6 7.21 -2.53 4.12
CA SER A 6 7.12 -3.51 5.20
C SER A 6 6.14 -3.07 6.31
N ALA A 7 4.96 -2.63 5.91
CA ALA A 7 3.86 -2.29 6.80
C ALA A 7 3.23 -3.59 7.36
N ALA A 8 2.03 -3.47 7.96
CA ALA A 8 1.35 -4.55 8.67
C ALA A 8 1.38 -5.87 7.85
N PRO A 9 1.59 -7.02 8.50
CA PRO A 9 1.80 -8.30 7.84
C PRO A 9 0.68 -8.74 6.89
N ARG A 10 1.11 -9.03 5.66
CA ARG A 10 0.28 -9.52 4.57
C ARG A 10 -0.34 -10.85 4.98
N GLY A 11 -1.63 -11.04 4.67
CA GLY A 11 -2.36 -12.24 5.04
C GLY A 11 -2.56 -12.38 6.55
N ARG A 12 -2.26 -11.34 7.34
CA ARG A 12 -2.40 -11.30 8.78
C ARG A 12 -2.99 -9.94 9.12
N PHE A 13 -4.19 -9.70 8.60
CA PHE A 13 -4.99 -8.47 8.65
C PHE A 13 -4.26 -7.18 8.25
N GLY A 14 -3.05 -7.27 7.71
CA GLY A 14 -2.21 -6.13 7.40
C GLY A 14 -2.35 -5.66 5.95
N ILE A 15 -1.94 -4.41 5.74
CA ILE A 15 -2.05 -3.64 4.53
C ILE A 15 -0.61 -3.29 4.12
N PRO A 16 0.03 -4.09 3.24
CA PRO A 16 1.34 -3.77 2.69
C PRO A 16 1.12 -2.67 1.63
N PHE A 17 1.99 -2.56 0.62
CA PHE A 17 1.91 -1.56 -0.45
C PHE A 17 0.66 -1.61 -1.34
N PHE A 18 -0.42 -2.31 -0.99
CA PHE A 18 -1.60 -2.36 -1.84
C PHE A 18 -2.18 -0.96 -2.13
N PRO A 19 -2.38 -0.03 -1.17
CA PRO A 19 -3.05 1.23 -1.47
C PRO A 19 -2.21 2.14 -2.35
N VAL A 20 -0.89 1.93 -2.47
CA VAL A 20 -0.04 2.66 -3.40
C VAL A 20 -0.57 2.47 -4.81
N HIS A 21 -0.65 1.22 -5.25
CA HIS A 21 -1.01 0.84 -6.60
C HIS A 21 -2.40 1.37 -6.98
N LEU A 22 -3.33 1.37 -6.03
CA LEU A 22 -4.68 1.87 -6.25
C LEU A 22 -4.72 3.40 -6.23
N LYS A 23 -4.06 4.07 -5.29
CA LYS A 23 -3.99 5.54 -5.35
C LYS A 23 -3.27 5.96 -6.63
N ARG A 24 -2.33 5.15 -7.13
CA ARG A 24 -1.66 5.38 -8.40
C ARG A 24 -2.66 5.26 -9.56
N LEU A 25 -3.67 4.41 -9.45
CA LEU A 25 -4.74 4.33 -10.44
C LEU A 25 -5.48 5.67 -10.45
N LEU A 26 -5.87 6.16 -9.27
CA LEU A 26 -6.56 7.44 -9.16
C LEU A 26 -5.71 8.61 -9.68
N ILE A 27 -4.41 8.63 -9.36
CA ILE A 27 -3.48 9.65 -9.85
C ILE A 27 -3.46 9.60 -11.39
N LEU A 28 -3.36 8.42 -11.99
CA LEU A 28 -3.38 8.24 -13.45
C LEU A 28 -4.70 8.68 -14.06
N LEU A 29 -5.83 8.32 -13.44
CA LEU A 29 -7.16 8.77 -13.88
C LEU A 29 -7.16 10.28 -14.10
N LEU A 30 -6.52 11.06 -13.21
CA LEU A 30 -6.35 12.49 -13.40
C LEU A 30 -5.26 12.75 -14.45
N LEU A 31 -4.05 12.24 -14.24
CA LEU A 31 -2.87 12.39 -15.07
C LEU A 31 -2.91 11.46 -16.29
N SER A 1 -17.86 -3.83 12.53
CA SER A 1 -16.60 -3.09 12.61
C SER A 1 -16.91 -1.62 12.93
N PRO A 2 -15.92 -0.71 13.02
CA PRO A 2 -16.14 0.69 12.65
C PRO A 2 -16.72 0.77 11.22
N PRO A 3 -17.14 1.95 10.72
CA PRO A 3 -17.71 2.12 9.38
C PRO A 3 -16.67 2.00 8.25
N ASP A 4 -15.76 1.02 8.33
CA ASP A 4 -14.75 0.64 7.34
C ASP A 4 -15.36 -0.05 6.11
N TYR A 5 -16.63 0.20 5.79
CA TYR A 5 -17.28 -0.34 4.61
C TYR A 5 -16.76 0.32 3.34
N SER A 6 -16.56 1.63 3.37
CA SER A 6 -16.17 2.45 2.22
C SER A 6 -14.78 2.09 1.69
N ALA A 7 -13.91 1.64 2.59
CA ALA A 7 -12.58 1.13 2.34
C ALA A 7 -12.27 0.27 3.54
N ALA A 8 -12.10 -1.05 3.33
CA ALA A 8 -11.93 -2.03 4.39
C ALA A 8 -10.48 -2.50 4.48
N PRO A 9 -9.63 -1.90 5.33
CA PRO A 9 -8.28 -2.39 5.54
C PRO A 9 -8.33 -3.57 6.50
N ARG A 10 -8.19 -4.80 5.99
CA ARG A 10 -8.34 -6.02 6.76
C ARG A 10 -8.01 -7.24 5.88
N GLY A 11 -8.07 -8.42 6.49
CA GLY A 11 -7.91 -9.71 5.83
C GLY A 11 -6.53 -9.99 5.24
N ARG A 12 -5.59 -9.08 5.36
CA ARG A 12 -4.23 -9.20 4.82
C ARG A 12 -3.27 -8.63 5.85
N PHE A 13 -3.16 -9.29 7.01
CA PHE A 13 -2.34 -8.91 8.15
C PHE A 13 -2.35 -7.39 8.39
N GLY A 14 -3.51 -6.87 8.79
CA GLY A 14 -3.67 -5.46 9.11
C GLY A 14 -3.77 -4.61 7.86
N ILE A 15 -2.89 -3.62 7.79
CA ILE A 15 -2.82 -2.56 6.79
C ILE A 15 -1.42 -2.62 6.18
N PRO A 16 -1.19 -3.51 5.21
CA PRO A 16 0.07 -3.52 4.47
C PRO A 16 0.06 -2.31 3.52
N PHE A 17 1.07 -2.21 2.66
CA PHE A 17 1.20 -1.18 1.61
C PHE A 17 0.09 -1.24 0.54
N PHE A 18 -1.06 -1.88 0.81
CA PHE A 18 -2.14 -2.12 -0.13
C PHE A 18 -2.55 -0.85 -0.90
N PRO A 19 -2.69 0.36 -0.31
CA PRO A 19 -3.21 1.51 -1.05
C PRO A 19 -2.25 2.03 -2.13
N VAL A 20 -1.00 1.55 -2.22
CA VAL A 20 -0.07 1.90 -3.30
C VAL A 20 -0.70 1.71 -4.66
N HIS A 21 -1.05 0.46 -4.96
CA HIS A 21 -1.54 0.03 -6.25
C HIS A 21 -2.80 0.79 -6.66
N LEU A 22 -3.69 1.00 -5.69
CA LEU A 22 -4.93 1.72 -5.86
C LEU A 22 -4.70 3.22 -6.03
N LYS A 23 -3.85 3.85 -5.22
CA LYS A 23 -3.54 5.27 -5.43
C LYS A 23 -2.83 5.44 -6.77
N ARG A 24 -2.07 4.44 -7.23
CA ARG A 24 -1.46 4.46 -8.55
C ARG A 24 -2.53 4.40 -9.63
N LEU A 25 -3.62 3.66 -9.41
CA LEU A 25 -4.76 3.64 -10.33
C LEU A 25 -5.35 5.04 -10.39
N LEU A 26 -5.65 5.63 -9.23
CA LEU A 26 -6.24 6.96 -9.13
C LEU A 26 -5.36 8.01 -9.81
N ILE A 27 -4.05 8.02 -9.51
CA ILE A 27 -3.12 8.98 -10.09
C ILE A 27 -3.09 8.82 -11.62
N LEU A 28 -3.09 7.59 -12.13
CA LEU A 28 -3.18 7.36 -13.58
C LEU A 28 -4.50 7.87 -14.15
N LEU A 29 -5.63 7.53 -13.52
CA LEU A 29 -6.94 8.02 -13.96
C LEU A 29 -6.97 9.56 -14.03
N LEU A 30 -6.33 10.24 -13.09
CA LEU A 30 -6.18 11.70 -13.10
C LEU A 30 -5.21 12.16 -14.20
N LEU A 31 -4.07 11.48 -14.33
CA LEU A 31 -2.98 11.82 -15.22
C LEU A 31 -2.49 10.59 -15.95
N SER A 1 22.08 4.29 8.04
CA SER A 1 21.01 4.59 7.07
C SER A 1 20.17 5.75 7.63
N PRO A 2 19.13 6.23 6.93
CA PRO A 2 17.96 6.74 7.63
C PRO A 2 17.36 5.62 8.51
N PRO A 3 16.49 5.96 9.48
CA PRO A 3 15.79 4.97 10.28
C PRO A 3 14.66 4.31 9.46
N ASP A 4 14.04 3.29 10.06
CA ASP A 4 12.86 2.58 9.58
C ASP A 4 11.65 3.16 10.32
N TYR A 5 10.51 2.47 10.26
CA TYR A 5 9.30 2.75 10.97
C TYR A 5 8.67 1.41 11.32
N SER A 6 7.80 1.40 12.35
CA SER A 6 7.06 0.29 12.91
C SER A 6 5.94 -0.15 11.95
N ALA A 7 6.36 -0.63 10.79
CA ALA A 7 5.54 -1.06 9.67
C ALA A 7 4.40 -1.96 10.16
N ALA A 8 3.18 -1.58 9.77
CA ALA A 8 1.92 -2.23 10.13
C ALA A 8 1.97 -3.75 9.88
N PRO A 9 1.08 -4.54 10.50
CA PRO A 9 1.00 -5.98 10.22
C PRO A 9 0.78 -6.20 8.73
N ARG A 10 1.29 -7.33 8.23
CA ARG A 10 1.19 -7.77 6.85
C ARG A 10 1.53 -9.26 6.77
N GLY A 11 1.03 -9.94 5.74
CA GLY A 11 1.15 -11.39 5.60
C GLY A 11 0.27 -12.19 6.57
N ARG A 12 -0.46 -11.51 7.44
CA ARG A 12 -1.45 -11.98 8.39
C ARG A 12 -2.23 -10.71 8.67
N PHE A 13 -3.50 -10.71 8.26
CA PHE A 13 -4.54 -9.71 8.48
C PHE A 13 -3.98 -8.31 8.75
N GLY A 14 -3.51 -7.63 7.71
CA GLY A 14 -2.83 -6.36 7.88
C GLY A 14 -2.82 -5.55 6.58
N ILE A 15 -2.18 -4.38 6.64
CA ILE A 15 -2.14 -3.38 5.58
C ILE A 15 -0.72 -3.24 5.04
N PRO A 16 -0.38 -3.93 3.93
CA PRO A 16 0.89 -3.73 3.27
C PRO A 16 0.76 -2.41 2.47
N PHE A 17 1.71 -2.11 1.60
CA PHE A 17 1.71 -0.96 0.69
C PHE A 17 0.56 -0.97 -0.35
N PHE A 18 -0.51 -1.75 -0.15
CA PHE A 18 -1.59 -1.96 -1.12
C PHE A 18 -2.13 -0.64 -1.73
N PRO A 19 -2.36 0.48 -1.01
CA PRO A 19 -2.97 1.67 -1.61
C PRO A 19 -2.13 2.31 -2.71
N VAL A 20 -0.86 1.96 -2.89
CA VAL A 20 -0.01 2.40 -3.99
C VAL A 20 -0.69 2.22 -5.35
N HIS A 21 -0.98 0.98 -5.68
CA HIS A 21 -1.51 0.56 -6.97
C HIS A 21 -2.82 1.25 -7.31
N LEU A 22 -3.67 1.39 -6.29
CA LEU A 22 -4.95 2.06 -6.35
C LEU A 22 -4.78 3.56 -6.50
N LYS A 23 -3.94 4.22 -5.67
CA LYS A 23 -3.71 5.66 -5.84
C LYS A 23 -3.05 5.91 -7.18
N ARG A 24 -2.28 4.97 -7.73
CA ARG A 24 -1.70 5.08 -9.06
C ARG A 24 -2.80 5.06 -10.12
N LEU A 25 -3.91 4.33 -9.91
CA LEU A 25 -5.05 4.38 -10.82
C LEU A 25 -5.60 5.80 -10.80
N LEU A 26 -5.83 6.33 -9.60
CA LEU A 26 -6.37 7.68 -9.41
C LEU A 26 -5.46 8.74 -10.04
N ILE A 27 -4.15 8.64 -9.85
CA ILE A 27 -3.17 9.55 -10.43
C ILE A 27 -3.25 9.48 -11.96
N LEU A 28 -3.34 8.29 -12.54
CA LEU A 28 -3.50 8.14 -13.99
C LEU A 28 -4.81 8.77 -14.45
N LEU A 29 -5.93 8.49 -13.78
CA LEU A 29 -7.21 9.10 -14.12
C LEU A 29 -7.13 10.63 -14.12
N LEU A 30 -6.37 11.23 -13.21
CA LEU A 30 -6.12 12.67 -13.18
C LEU A 30 -5.18 13.10 -14.30
N LEU A 31 -4.10 12.36 -14.53
CA LEU A 31 -3.03 12.66 -15.45
C LEU A 31 -2.63 11.39 -16.21
N SER A 1 14.22 -11.89 13.71
CA SER A 1 14.13 -10.43 13.90
C SER A 1 13.27 -10.15 15.13
N PRO A 2 13.15 -8.89 15.58
CA PRO A 2 11.94 -8.47 16.27
C PRO A 2 10.72 -8.60 15.33
N PRO A 3 9.48 -8.55 15.86
CA PRO A 3 8.28 -8.54 15.04
C PRO A 3 8.14 -7.17 14.34
N ASP A 4 7.15 -7.03 13.46
CA ASP A 4 6.83 -5.82 12.73
C ASP A 4 5.78 -4.99 13.48
N TYR A 5 6.09 -4.67 14.75
CA TYR A 5 5.25 -3.93 15.71
C TYR A 5 5.06 -2.43 15.35
N SER A 6 5.32 -2.01 14.12
CA SER A 6 5.31 -0.64 13.67
C SER A 6 4.61 -0.58 12.32
N ALA A 7 5.38 -0.66 11.22
CA ALA A 7 4.83 -0.74 9.88
C ALA A 7 3.87 -1.94 9.87
N ALA A 8 2.60 -1.67 9.60
CA ALA A 8 1.48 -2.61 9.68
C ALA A 8 1.77 -3.99 9.06
N PRO A 9 1.23 -5.07 9.65
CA PRO A 9 1.54 -6.43 9.24
C PRO A 9 1.01 -6.75 7.85
N ARG A 10 1.45 -7.88 7.32
CA ARG A 10 1.11 -8.36 5.97
C ARG A 10 1.11 -9.88 6.00
N GLY A 11 0.35 -10.50 5.09
CA GLY A 11 0.15 -11.95 5.07
C GLY A 11 -0.68 -12.48 6.25
N ARG A 12 -1.11 -11.60 7.15
CA ARG A 12 -1.99 -11.86 8.28
C ARG A 12 -2.71 -10.54 8.48
N PHE A 13 -3.93 -10.45 7.93
CA PHE A 13 -4.92 -9.38 8.06
C PHE A 13 -4.30 -8.02 8.44
N GLY A 14 -3.67 -7.36 7.47
CA GLY A 14 -2.94 -6.13 7.70
C GLY A 14 -2.88 -5.28 6.44
N ILE A 15 -2.13 -4.18 6.49
CA ILE A 15 -2.05 -3.17 5.45
C ILE A 15 -0.64 -3.13 4.85
N PRO A 16 -0.38 -3.92 3.79
CA PRO A 16 0.87 -3.84 3.06
C PRO A 16 0.83 -2.53 2.25
N PHE A 17 1.79 -2.34 1.34
CA PHE A 17 1.85 -1.21 0.40
C PHE A 17 0.65 -1.15 -0.59
N PHE A 18 -0.47 -1.84 -0.33
CA PHE A 18 -1.60 -1.95 -1.25
C PHE A 18 -2.08 -0.59 -1.77
N PRO A 19 -2.21 0.50 -0.96
CA PRO A 19 -2.77 1.77 -1.45
C PRO A 19 -1.87 2.51 -2.45
N VAL A 20 -0.73 1.96 -2.86
CA VAL A 20 0.13 2.49 -3.90
C VAL A 20 -0.54 2.29 -5.25
N HIS A 21 -0.69 1.04 -5.64
CA HIS A 21 -1.17 0.60 -6.94
C HIS A 21 -2.54 1.20 -7.30
N LEU A 22 -3.44 1.24 -6.32
CA LEU A 22 -4.75 1.84 -6.47
C LEU A 22 -4.66 3.35 -6.54
N LYS A 23 -3.90 4.02 -5.66
CA LYS A 23 -3.78 5.48 -5.75
C LYS A 23 -3.08 5.86 -7.06
N ARG A 24 -2.22 5.00 -7.61
CA ARG A 24 -1.61 5.21 -8.90
C ARG A 24 -2.66 5.21 -10.00
N LEU A 25 -3.73 4.41 -9.87
CA LEU A 25 -4.85 4.44 -10.80
C LEU A 25 -5.48 5.82 -10.74
N LEU A 26 -5.77 6.32 -9.54
CA LEU A 26 -6.39 7.64 -9.37
C LEU A 26 -5.51 8.76 -9.91
N ILE A 27 -4.20 8.72 -9.65
CA ILE A 27 -3.24 9.70 -10.17
C ILE A 27 -3.26 9.67 -11.69
N LEU A 28 -3.26 8.48 -12.32
CA LEU A 28 -3.35 8.36 -13.77
C LEU A 28 -4.67 8.91 -14.30
N LEU A 29 -5.79 8.55 -13.68
CA LEU A 29 -7.10 9.09 -14.01
C LEU A 29 -7.04 10.63 -14.03
N LEU A 30 -6.49 11.25 -12.99
CA LEU A 30 -6.30 12.69 -12.90
C LEU A 30 -5.38 13.21 -14.02
N LEU A 31 -4.30 12.47 -14.31
CA LEU A 31 -3.38 12.74 -15.42
C LEU A 31 -4.06 12.63 -16.79
N SER A 1 15.11 -17.98 -4.87
CA SER A 1 14.67 -17.99 -3.46
C SER A 1 13.40 -18.82 -3.36
N PRO A 2 12.85 -19.07 -2.17
CA PRO A 2 11.41 -19.23 -2.04
C PRO A 2 10.70 -17.93 -2.48
N PRO A 3 9.38 -17.97 -2.72
CA PRO A 3 8.60 -16.77 -3.02
C PRO A 3 8.38 -15.96 -1.74
N ASP A 4 7.75 -14.79 -1.88
CA ASP A 4 7.32 -13.92 -0.79
C ASP A 4 5.90 -14.35 -0.41
N TYR A 5 5.20 -13.56 0.40
CA TYR A 5 3.79 -13.80 0.71
C TYR A 5 2.94 -13.29 -0.47
N SER A 6 3.23 -13.76 -1.68
CA SER A 6 2.70 -13.37 -3.00
C SER A 6 1.18 -13.23 -3.15
N ALA A 7 0.37 -13.65 -2.17
CA ALA A 7 -1.06 -13.42 -2.18
C ALA A 7 -1.27 -11.90 -2.25
N ALA A 8 -2.12 -11.44 -3.17
CA ALA A 8 -2.35 -10.02 -3.46
C ALA A 8 -2.46 -9.19 -2.18
N PRO A 9 -1.55 -8.23 -1.93
CA PRO A 9 -1.54 -7.51 -0.68
C PRO A 9 -2.71 -6.52 -0.61
N ARG A 10 -3.73 -6.91 0.15
CA ARG A 10 -4.92 -6.18 0.51
C ARG A 10 -5.53 -6.94 1.65
N GLY A 11 -5.59 -6.30 2.81
CA GLY A 11 -6.02 -6.86 4.09
C GLY A 11 -5.44 -8.25 4.32
N ARG A 12 -4.30 -8.32 4.99
CA ARG A 12 -3.58 -9.56 5.28
C ARG A 12 -2.91 -9.33 6.62
N PHE A 13 -3.61 -9.73 7.68
CA PHE A 13 -3.23 -9.62 9.09
C PHE A 13 -2.67 -8.23 9.39
N GLY A 14 -3.29 -7.21 8.82
CA GLY A 14 -2.85 -5.84 8.86
C GLY A 14 -3.13 -5.18 7.51
N ILE A 15 -2.66 -3.94 7.41
CA ILE A 15 -2.73 -3.07 6.25
C ILE A 15 -1.32 -3.07 5.65
N PRO A 16 -1.06 -3.90 4.63
CA PRO A 16 0.22 -3.83 3.93
C PRO A 16 0.19 -2.53 3.10
N PHE A 17 1.18 -2.32 2.25
CA PHE A 17 1.28 -1.21 1.30
C PHE A 17 0.13 -1.14 0.25
N PHE A 18 -1.00 -1.82 0.47
CA PHE A 18 -2.09 -1.97 -0.48
C PHE A 18 -2.53 -0.63 -1.10
N PRO A 19 -2.68 0.51 -0.37
CA PRO A 19 -3.21 1.74 -0.96
C PRO A 19 -2.32 2.34 -2.06
N VAL A 20 -1.05 1.92 -2.19
CA VAL A 20 -0.15 2.33 -3.26
C VAL A 20 -0.82 2.13 -4.62
N HIS A 21 -1.15 0.88 -4.92
CA HIS A 21 -1.65 0.42 -6.18
C HIS A 21 -2.93 1.14 -6.59
N LEU A 22 -3.78 1.42 -5.62
CA LEU A 22 -5.03 2.15 -5.75
C LEU A 22 -4.79 3.65 -5.95
N LYS A 23 -3.97 4.30 -5.13
CA LYS A 23 -3.64 5.71 -5.37
C LYS A 23 -2.95 5.85 -6.74
N ARG A 24 -2.19 4.83 -7.18
CA ARG A 24 -1.59 4.83 -8.51
C ARG A 24 -2.68 4.77 -9.58
N LEU A 25 -3.79 4.06 -9.34
CA LEU A 25 -4.90 4.05 -10.29
C LEU A 25 -5.47 5.44 -10.41
N LEU A 26 -5.69 6.11 -9.27
CA LEU A 26 -6.20 7.48 -9.22
C LEU A 26 -5.28 8.44 -9.96
N ILE A 27 -3.97 8.37 -9.70
CA ILE A 27 -2.98 9.21 -10.36
C ILE A 27 -3.01 8.96 -11.87
N LEU A 28 -3.11 7.70 -12.32
CA LEU A 28 -3.24 7.37 -13.74
C LEU A 28 -4.53 7.95 -14.32
N LEU A 29 -5.67 7.77 -13.65
CA LEU A 29 -6.93 8.36 -14.09
C LEU A 29 -6.81 9.87 -14.30
N LEU A 30 -6.08 10.57 -13.43
CA LEU A 30 -5.80 12.00 -13.58
C LEU A 30 -4.83 12.26 -14.74
N LEU A 31 -3.75 11.50 -14.82
CA LEU A 31 -2.66 11.65 -15.76
C LEU A 31 -2.28 10.30 -16.36
N SER A 1 20.58 -8.40 17.29
CA SER A 1 19.56 -9.39 17.66
C SER A 1 19.54 -10.49 16.60
N PRO A 2 18.72 -11.55 16.75
CA PRO A 2 18.16 -12.20 15.58
C PRO A 2 17.31 -11.20 14.77
N PRO A 3 16.92 -11.52 13.53
CA PRO A 3 16.01 -10.69 12.74
C PRO A 3 14.60 -10.73 13.36
N ASP A 4 13.71 -9.90 12.82
CA ASP A 4 12.36 -9.67 13.31
C ASP A 4 11.33 -10.14 12.27
N TYR A 5 10.06 -9.68 12.37
CA TYR A 5 8.94 -10.11 11.57
C TYR A 5 8.25 -9.00 10.76
N SER A 6 8.76 -7.76 10.72
CA SER A 6 8.11 -6.60 10.10
C SER A 6 7.96 -6.68 8.56
N ALA A 7 8.20 -7.83 7.92
CA ALA A 7 7.94 -8.00 6.51
C ALA A 7 6.46 -7.73 6.24
N ALA A 8 6.15 -7.01 5.15
CA ALA A 8 4.82 -6.53 4.80
C ALA A 8 3.74 -7.62 5.03
N PRO A 9 2.93 -7.50 6.09
CA PRO A 9 1.98 -8.54 6.45
C PRO A 9 0.83 -8.62 5.45
N ARG A 10 0.49 -9.84 5.04
CA ARG A 10 -0.64 -10.18 4.18
C ARG A 10 -1.10 -11.59 4.52
N GLY A 11 -2.35 -11.93 4.20
CA GLY A 11 -2.93 -13.25 4.48
C GLY A 11 -3.15 -13.57 5.96
N ARG A 12 -2.76 -12.66 6.86
CA ARG A 12 -2.96 -12.69 8.30
C ARG A 12 -3.06 -11.21 8.65
N PHE A 13 -4.30 -10.70 8.74
CA PHE A 13 -4.71 -9.36 9.18
C PHE A 13 -3.58 -8.33 9.00
N GLY A 14 -3.32 -7.92 7.76
CA GLY A 14 -2.22 -7.05 7.43
C GLY A 14 -2.53 -6.25 6.18
N ILE A 15 -1.81 -5.16 6.02
CA ILE A 15 -1.96 -4.15 4.99
C ILE A 15 -0.56 -3.94 4.45
N PRO A 16 -0.21 -4.57 3.31
CA PRO A 16 1.05 -4.29 2.66
C PRO A 16 0.90 -2.92 1.98
N PHE A 17 1.86 -2.52 1.14
CA PHE A 17 1.81 -1.31 0.32
C PHE A 17 0.68 -1.30 -0.74
N PHE A 18 -0.39 -2.10 -0.58
CA PHE A 18 -1.45 -2.27 -1.57
C PHE A 18 -2.00 -0.93 -2.10
N PRO A 19 -2.26 0.13 -1.29
CA PRO A 19 -2.89 1.34 -1.80
C PRO A 19 -2.01 2.14 -2.78
N VAL A 20 -0.72 1.82 -2.92
CA VAL A 20 0.17 2.43 -3.90
C VAL A 20 -0.43 2.36 -5.29
N HIS A 21 -0.63 1.13 -5.77
CA HIS A 21 -1.07 0.81 -7.11
C HIS A 21 -2.39 1.47 -7.44
N LEU A 22 -3.32 1.47 -6.47
CA LEU A 22 -4.62 2.09 -6.58
C LEU A 22 -4.54 3.62 -6.56
N LYS A 23 -3.78 4.22 -5.64
CA LYS A 23 -3.59 5.67 -5.68
C LYS A 23 -2.89 6.06 -6.99
N ARG A 24 -2.03 5.22 -7.54
CA ARG A 24 -1.41 5.44 -8.84
C ARG A 24 -2.46 5.36 -9.94
N LEU A 25 -3.46 4.49 -9.83
CA LEU A 25 -4.57 4.43 -10.76
C LEU A 25 -5.31 5.76 -10.71
N LEU A 26 -5.67 6.23 -9.51
CA LEU A 26 -6.36 7.49 -9.30
C LEU A 26 -5.58 8.68 -9.87
N ILE A 27 -4.29 8.76 -9.56
CA ILE A 27 -3.42 9.83 -10.07
C ILE A 27 -3.39 9.78 -11.61
N LEU A 28 -3.30 8.59 -12.21
CA LEU A 28 -3.34 8.47 -13.67
C LEU A 28 -4.69 8.91 -14.22
N LEU A 29 -5.79 8.47 -13.64
CA LEU A 29 -7.13 8.93 -14.01
C LEU A 29 -7.19 10.46 -14.01
N LEU A 30 -6.69 11.11 -12.95
CA LEU A 30 -6.60 12.57 -12.87
C LEU A 30 -5.70 13.15 -13.96
N LEU A 31 -4.57 12.49 -14.24
CA LEU A 31 -3.65 12.83 -15.32
C LEU A 31 -4.28 12.65 -16.71
N SER A 1 18.05 -0.84 -2.25
CA SER A 1 17.10 0.23 -1.96
C SER A 1 16.91 0.31 -0.44
N PRO A 2 16.17 1.28 0.09
CA PRO A 2 15.46 1.07 1.36
C PRO A 2 14.42 -0.06 1.17
N PRO A 3 13.89 -0.63 2.27
CA PRO A 3 12.80 -1.60 2.21
C PRO A 3 11.48 -0.87 1.92
N ASP A 4 10.36 -1.58 1.84
CA ASP A 4 9.06 -0.97 1.69
C ASP A 4 8.74 -0.34 3.05
N TYR A 5 8.54 0.96 3.03
CA TYR A 5 8.24 1.77 4.20
C TYR A 5 6.96 1.33 4.92
N SER A 6 6.11 0.52 4.28
CA SER A 6 4.87 0.01 4.82
C SER A 6 5.11 -1.39 5.41
N ALA A 7 6.21 -1.58 6.15
CA ALA A 7 6.73 -2.82 6.72
C ALA A 7 5.76 -3.63 7.62
N ALA A 8 4.51 -3.19 7.76
CA ALA A 8 3.44 -3.88 8.46
C ALA A 8 3.23 -5.29 7.89
N PRO A 9 2.59 -6.20 8.66
CA PRO A 9 2.34 -7.57 8.23
C PRO A 9 1.47 -7.60 6.96
N ARG A 10 1.53 -8.74 6.28
CA ARG A 10 0.90 -8.95 4.99
C ARG A 10 0.49 -10.41 4.89
N GLY A 11 -0.64 -10.69 4.24
CA GLY A 11 -1.23 -12.03 4.16
C GLY A 11 -1.73 -12.58 5.50
N ARG A 12 -1.54 -11.85 6.59
CA ARG A 12 -1.97 -12.09 7.95
C ARG A 12 -2.35 -10.69 8.43
N PHE A 13 -3.63 -10.37 8.33
CA PHE A 13 -4.32 -9.17 8.81
C PHE A 13 -3.40 -7.96 9.00
N GLY A 14 -3.02 -7.31 7.90
CA GLY A 14 -2.19 -6.12 7.93
C GLY A 14 -2.31 -5.35 6.61
N ILE A 15 -1.77 -4.14 6.59
CA ILE A 15 -1.87 -3.18 5.50
C ILE A 15 -0.45 -2.84 5.06
N PRO A 16 0.11 -3.59 4.10
CA PRO A 16 1.40 -3.26 3.52
C PRO A 16 1.17 -2.09 2.54
N PHE A 17 2.12 -1.82 1.66
CA PHE A 17 2.08 -0.75 0.65
C PHE A 17 0.95 -0.90 -0.39
N PHE A 18 -0.05 -1.75 -0.18
CA PHE A 18 -1.09 -2.04 -1.16
C PHE A 18 -1.75 -0.76 -1.73
N PRO A 19 -2.09 0.30 -0.95
CA PRO A 19 -2.78 1.45 -1.52
C PRO A 19 -1.96 2.27 -2.52
N VAL A 20 -0.65 2.02 -2.67
CA VAL A 20 0.20 2.64 -3.69
C VAL A 20 -0.43 2.47 -5.07
N HIS A 21 -0.57 1.23 -5.50
CA HIS A 21 -0.99 0.84 -6.82
C HIS A 21 -2.37 1.41 -7.18
N LEU A 22 -3.25 1.42 -6.18
CA LEU A 22 -4.60 1.96 -6.27
C LEU A 22 -4.59 3.48 -6.31
N LYS A 23 -3.86 4.18 -5.44
CA LYS A 23 -3.76 5.64 -5.55
C LYS A 23 -3.09 6.00 -6.88
N ARG A 24 -2.18 5.16 -7.39
CA ARG A 24 -1.57 5.33 -8.70
C ARG A 24 -2.63 5.18 -9.81
N LEU A 25 -3.68 4.38 -9.61
CA LEU A 25 -4.79 4.31 -10.55
C LEU A 25 -5.49 5.65 -10.57
N LEU A 26 -5.78 6.22 -9.38
CA LEU A 26 -6.42 7.53 -9.27
C LEU A 26 -5.56 8.64 -9.89
N ILE A 27 -4.24 8.61 -9.66
CA ILE A 27 -3.31 9.57 -10.26
C ILE A 27 -3.36 9.44 -11.78
N LEU A 28 -3.39 8.22 -12.34
CA LEU A 28 -3.51 8.01 -13.77
C LEU A 28 -4.84 8.54 -14.29
N LEU A 29 -5.94 8.23 -13.63
CA LEU A 29 -7.26 8.76 -13.95
C LEU A 29 -7.19 10.29 -14.06
N LEU A 30 -6.60 10.96 -13.07
CA LEU A 30 -6.38 12.41 -13.07
C LEU A 30 -5.50 12.84 -14.25
N LEU A 31 -4.44 12.08 -14.54
CA LEU A 31 -3.55 12.28 -15.69
C LEU A 31 -4.26 12.08 -17.03
N SER A 1 13.49 9.64 1.53
CA SER A 1 12.93 9.77 2.88
C SER A 1 14.05 9.66 3.91
N PRO A 2 13.78 9.80 5.22
CA PRO A 2 14.59 9.11 6.23
C PRO A 2 14.50 7.58 5.99
N PRO A 3 15.22 6.73 6.74
CA PRO A 3 15.07 5.27 6.65
C PRO A 3 13.71 4.86 7.25
N ASP A 4 12.62 5.17 6.56
CA ASP A 4 11.26 4.88 6.96
C ASP A 4 11.01 3.39 6.75
N TYR A 5 11.02 2.65 7.86
CA TYR A 5 10.84 1.20 7.94
C TYR A 5 9.38 0.77 7.66
N SER A 6 8.69 1.46 6.76
CA SER A 6 7.28 1.37 6.38
C SER A 6 6.87 0.03 5.74
N ALA A 7 7.64 -1.05 5.94
CA ALA A 7 7.31 -2.40 5.51
C ALA A 7 6.20 -2.95 6.43
N ALA A 8 4.99 -2.42 6.25
CA ALA A 8 3.79 -2.69 7.05
C ALA A 8 3.39 -4.17 7.03
N PRO A 9 2.59 -4.66 8.00
CA PRO A 9 2.26 -6.08 8.14
C PRO A 9 1.47 -6.64 6.96
N ARG A 10 1.58 -7.96 6.76
CA ARG A 10 0.98 -8.71 5.66
C ARG A 10 0.81 -10.16 6.13
N GLY A 11 -0.06 -10.93 5.48
CA GLY A 11 -0.26 -12.36 5.74
C GLY A 11 -0.88 -12.72 7.09
N ARG A 12 -1.14 -11.72 7.92
CA ARG A 12 -1.83 -11.75 9.19
C ARG A 12 -2.34 -10.31 9.31
N PHE A 13 -3.63 -10.13 9.05
CA PHE A 13 -4.43 -8.92 9.19
C PHE A 13 -3.61 -7.63 9.14
N GLY A 14 -3.18 -7.23 7.95
CA GLY A 14 -2.31 -6.07 7.79
C GLY A 14 -2.52 -5.44 6.42
N ILE A 15 -2.05 -4.21 6.29
CA ILE A 15 -2.19 -3.34 5.14
C ILE A 15 -0.77 -3.06 4.67
N PRO A 16 -0.23 -3.85 3.73
CA PRO A 16 1.06 -3.56 3.14
C PRO A 16 0.87 -2.34 2.22
N PHE A 17 1.86 -2.03 1.37
CA PHE A 17 1.80 -0.97 0.38
C PHE A 17 0.71 -1.15 -0.70
N PHE A 18 -0.30 -2.00 -0.51
CA PHE A 18 -1.31 -2.33 -1.51
C PHE A 18 -1.97 -1.06 -2.10
N PRO A 19 -2.32 0.00 -1.34
CA PRO A 19 -3.02 1.16 -1.93
C PRO A 19 -2.15 1.97 -2.89
N VAL A 20 -0.85 1.71 -3.03
CA VAL A 20 0.01 2.36 -4.03
C VAL A 20 -0.58 2.15 -5.41
N HIS A 21 -0.74 0.89 -5.81
CA HIS A 21 -1.17 0.49 -7.13
C HIS A 21 -2.54 1.04 -7.49
N LEU A 22 -3.43 1.15 -6.49
CA LEU A 22 -4.76 1.69 -6.63
C LEU A 22 -4.72 3.22 -6.69
N LYS A 23 -4.03 3.90 -5.78
CA LYS A 23 -3.88 5.36 -5.86
C LYS A 23 -3.18 5.74 -7.16
N ARG A 24 -2.32 4.89 -7.72
CA ARG A 24 -1.70 5.11 -9.02
C ARG A 24 -2.75 5.16 -10.12
N LEU A 25 -3.82 4.36 -10.03
CA LEU A 25 -4.92 4.41 -10.97
C LEU A 25 -5.58 5.79 -10.90
N LEU A 26 -5.84 6.26 -9.69
CA LEU A 26 -6.45 7.57 -9.45
C LEU A 26 -5.54 8.70 -9.97
N ILE A 27 -4.23 8.63 -9.71
CA ILE A 27 -3.27 9.61 -10.19
C ILE A 27 -3.30 9.64 -11.71
N LEU A 28 -3.29 8.48 -12.38
CA LEU A 28 -3.41 8.41 -13.84
C LEU A 28 -4.73 9.00 -14.32
N LEU A 29 -5.86 8.62 -13.71
CA LEU A 29 -7.16 9.18 -14.06
C LEU A 29 -7.17 10.71 -13.98
N LEU A 30 -6.45 11.30 -13.01
CA LEU A 30 -6.27 12.75 -12.91
C LEU A 30 -5.32 13.28 -13.98
N LEU A 31 -4.16 12.63 -14.15
CA LEU A 31 -3.07 13.03 -15.01
C LEU A 31 -2.65 11.85 -15.89
N SER A 1 7.77 4.08 27.11
CA SER A 1 7.25 2.77 26.67
C SER A 1 8.33 2.08 25.82
N PRO A 2 8.12 0.84 25.36
CA PRO A 2 8.70 0.43 24.07
C PRO A 2 8.16 1.34 22.94
N PRO A 3 8.73 1.29 21.74
CA PRO A 3 8.20 2.02 20.59
C PRO A 3 6.89 1.38 20.14
N ASP A 4 6.19 2.07 19.23
CA ASP A 4 4.98 1.60 18.58
C ASP A 4 5.40 0.52 17.59
N TYR A 5 4.86 -0.68 17.81
CA TYR A 5 5.10 -1.89 17.02
C TYR A 5 4.36 -1.84 15.67
N SER A 6 4.25 -0.67 15.04
CA SER A 6 3.56 -0.41 13.77
C SER A 6 4.22 -1.06 12.53
N ALA A 7 5.05 -2.09 12.71
CA ALA A 7 5.64 -2.88 11.64
C ALA A 7 4.51 -3.57 10.86
N ALA A 8 4.07 -2.93 9.78
CA ALA A 8 2.93 -3.29 8.95
C ALA A 8 2.87 -4.80 8.63
N PRO A 9 1.95 -5.55 9.26
CA PRO A 9 1.82 -6.99 9.02
C PRO A 9 1.29 -7.26 7.61
N ARG A 10 1.35 -8.53 7.18
CA ARG A 10 0.98 -8.95 5.83
C ARG A 10 0.66 -10.43 5.87
N GLY A 11 -0.22 -10.90 4.98
CA GLY A 11 -0.65 -12.29 4.88
C GLY A 11 -1.45 -12.81 6.07
N ARG A 12 -1.64 -12.00 7.10
CA ARG A 12 -2.43 -12.21 8.30
C ARG A 12 -2.79 -10.77 8.66
N PHE A 13 -4.05 -10.40 8.41
CA PHE A 13 -4.72 -9.15 8.73
C PHE A 13 -3.76 -7.96 8.81
N GLY A 14 -3.32 -7.46 7.66
CA GLY A 14 -2.34 -6.40 7.60
C GLY A 14 -2.43 -5.64 6.29
N ILE A 15 -1.74 -4.51 6.22
CA ILE A 15 -1.78 -3.55 5.14
C ILE A 15 -0.36 -3.37 4.60
N PRO A 16 0.05 -4.14 3.59
CA PRO A 16 1.32 -3.93 2.94
C PRO A 16 1.17 -2.65 2.08
N PHE A 17 2.12 -2.35 1.21
CA PHE A 17 2.07 -1.21 0.28
C PHE A 17 0.93 -1.27 -0.75
N PHE A 18 -0.10 -2.10 -0.57
CA PHE A 18 -1.16 -2.34 -1.53
C PHE A 18 -1.78 -1.03 -2.09
N PRO A 19 -2.09 0.03 -1.29
CA PRO A 19 -2.79 1.20 -1.83
C PRO A 19 -1.96 2.01 -2.82
N VAL A 20 -0.66 1.76 -2.99
CA VAL A 20 0.18 2.39 -4.00
C VAL A 20 -0.43 2.27 -5.38
N HIS A 21 -0.58 1.04 -5.84
CA HIS A 21 -1.02 0.68 -7.17
C HIS A 21 -2.38 1.29 -7.50
N LEU A 22 -3.28 1.24 -6.52
CA LEU A 22 -4.62 1.79 -6.59
C LEU A 22 -4.58 3.32 -6.61
N LYS A 23 -3.86 3.97 -5.70
CA LYS A 23 -3.76 5.44 -5.75
C LYS A 23 -3.07 5.87 -7.04
N ARG A 24 -2.17 5.05 -7.60
CA ARG A 24 -1.54 5.32 -8.88
C ARG A 24 -2.59 5.26 -10.00
N LEU A 25 -3.60 4.41 -9.89
CA LEU A 25 -4.71 4.39 -10.85
C LEU A 25 -5.42 5.73 -10.76
N LEU A 26 -5.78 6.17 -9.56
CA LEU A 26 -6.47 7.44 -9.34
C LEU A 26 -5.65 8.64 -9.84
N ILE A 27 -4.35 8.66 -9.56
CA ILE A 27 -3.44 9.71 -10.02
C ILE A 27 -3.43 9.72 -11.56
N LEU A 28 -3.35 8.57 -12.22
CA LEU A 28 -3.40 8.50 -13.68
C LEU A 28 -4.74 8.99 -14.20
N LEU A 29 -5.85 8.54 -13.62
CA LEU A 29 -7.18 9.03 -13.96
C LEU A 29 -7.22 10.56 -13.93
N LEU A 30 -6.71 11.17 -12.84
CA LEU A 30 -6.59 12.62 -12.71
C LEU A 30 -5.69 13.22 -13.79
N LEU A 31 -4.57 12.56 -14.09
CA LEU A 31 -3.64 12.91 -15.16
C LEU A 31 -4.27 12.79 -16.55
N SER A 1 14.43 5.07 21.55
CA SER A 1 14.96 3.71 21.37
C SER A 1 16.03 3.74 20.27
N PRO A 2 16.72 2.63 19.97
CA PRO A 2 17.16 2.38 18.60
C PRO A 2 15.93 2.30 17.67
N PRO A 3 16.13 2.30 16.34
CA PRO A 3 15.02 2.09 15.41
C PRO A 3 14.50 0.65 15.55
N ASP A 4 13.32 0.40 14.98
CA ASP A 4 12.63 -0.88 15.01
C ASP A 4 12.56 -1.45 13.59
N TYR A 5 11.81 -2.54 13.44
CA TYR A 5 11.69 -3.34 12.24
C TYR A 5 10.24 -3.84 12.05
N SER A 6 9.23 -3.06 12.43
CA SER A 6 7.80 -3.37 12.37
C SER A 6 7.27 -3.28 10.94
N ALA A 7 7.88 -4.04 10.03
CA ALA A 7 7.45 -4.20 8.65
C ALA A 7 5.96 -4.53 8.63
N ALA A 8 5.17 -3.68 7.99
CA ALA A 8 3.72 -3.73 7.96
C ALA A 8 3.17 -5.15 7.71
N PRO A 9 2.19 -5.60 8.52
CA PRO A 9 1.69 -6.97 8.48
C PRO A 9 1.17 -7.32 7.08
N ARG A 10 1.46 -8.54 6.65
CA ARG A 10 1.19 -9.06 5.31
C ARG A 10 0.79 -10.52 5.44
N GLY A 11 -0.24 -10.93 4.71
CA GLY A 11 -0.73 -12.31 4.70
C GLY A 11 -1.45 -12.75 5.98
N ARG A 12 -1.60 -11.85 6.95
CA ARG A 12 -2.34 -12.01 8.18
C ARG A 12 -2.76 -10.58 8.52
N PHE A 13 -4.04 -10.30 8.29
CA PHE A 13 -4.78 -9.08 8.61
C PHE A 13 -3.90 -7.84 8.76
N GLY A 14 -3.44 -7.28 7.65
CA GLY A 14 -2.54 -6.15 7.65
C GLY A 14 -2.63 -5.36 6.36
N ILE A 15 -2.00 -4.20 6.35
CA ILE A 15 -2.03 -3.22 5.28
C ILE A 15 -0.59 -2.97 4.85
N PRO A 16 -0.07 -3.77 3.90
CA PRO A 16 1.24 -3.52 3.32
C PRO A 16 1.06 -2.32 2.35
N PHE A 17 2.04 -2.07 1.49
CA PHE A 17 2.01 -1.00 0.48
C PHE A 17 0.89 -1.11 -0.57
N PHE A 18 -0.14 -1.94 -0.38
CA PHE A 18 -1.17 -2.21 -1.37
C PHE A 18 -1.81 -0.91 -1.93
N PRO A 19 -2.13 0.14 -1.13
CA PRO A 19 -2.84 1.30 -1.69
C PRO A 19 -2.01 2.09 -2.71
N VAL A 20 -0.69 1.87 -2.83
CA VAL A 20 0.15 2.48 -3.86
C VAL A 20 -0.47 2.26 -5.24
N HIS A 21 -0.67 1.00 -5.59
CA HIS A 21 -1.12 0.58 -6.91
C HIS A 21 -2.49 1.16 -7.26
N LEU A 22 -3.36 1.32 -6.26
CA LEU A 22 -4.68 1.90 -6.39
C LEU A 22 -4.60 3.42 -6.49
N LYS A 23 -3.87 4.09 -5.60
CA LYS A 23 -3.64 5.53 -5.69
C LYS A 23 -2.97 5.89 -7.01
N ARG A 24 -2.15 5.00 -7.58
CA ARG A 24 -1.54 5.17 -8.90
C ARG A 24 -2.60 5.20 -9.98
N LEU A 25 -3.65 4.38 -9.88
CA LEU A 25 -4.77 4.42 -10.82
C LEU A 25 -5.42 5.79 -10.73
N LEU A 26 -5.73 6.23 -9.51
CA LEU A 26 -6.37 7.53 -9.29
C LEU A 26 -5.51 8.70 -9.76
N ILE A 27 -4.19 8.66 -9.55
CA ILE A 27 -3.26 9.66 -10.06
C ILE A 27 -3.32 9.67 -11.58
N LEU A 28 -3.26 8.51 -12.25
CA LEU A 28 -3.33 8.45 -13.70
C LEU A 28 -4.66 8.99 -14.22
N LEU A 29 -5.78 8.57 -13.62
CA LEU A 29 -7.10 9.11 -13.93
C LEU A 29 -7.09 10.64 -13.89
N LEU A 30 -6.54 11.23 -12.81
CA LEU A 30 -6.40 12.68 -12.68
C LEU A 30 -5.49 13.26 -13.77
N LEU A 31 -4.40 12.56 -14.09
CA LEU A 31 -3.47 12.90 -15.17
C LEU A 31 -4.13 12.81 -16.57
N SER A 1 11.73 9.20 7.98
CA SER A 1 12.46 8.54 6.89
C SER A 1 11.72 8.87 5.57
N PRO A 2 12.11 8.30 4.41
CA PRO A 2 11.19 8.09 3.29
C PRO A 2 9.85 7.44 3.73
N PRO A 3 8.87 7.25 2.83
CA PRO A 3 7.62 6.54 3.15
C PRO A 3 7.88 5.02 3.17
N ASP A 4 8.78 4.58 4.06
CA ASP A 4 9.32 3.23 4.24
C ASP A 4 8.88 2.64 5.58
N TYR A 5 7.75 3.13 6.09
CA TYR A 5 7.12 2.74 7.32
C TYR A 5 6.79 1.25 7.32
N SER A 6 6.57 0.78 8.54
CA SER A 6 6.24 -0.57 8.99
C SER A 6 4.81 -0.93 8.59
N ALA A 7 4.56 -0.93 7.29
CA ALA A 7 3.32 -1.34 6.65
C ALA A 7 2.86 -2.66 7.27
N ALA A 8 1.60 -2.68 7.72
CA ALA A 8 1.00 -3.78 8.47
C ALA A 8 1.19 -5.16 7.79
N PRO A 9 1.27 -6.24 8.60
CA PRO A 9 1.57 -7.61 8.18
C PRO A 9 0.85 -8.14 6.93
N ARG A 10 1.60 -8.20 5.83
CA ARG A 10 1.18 -8.74 4.54
C ARG A 10 0.55 -10.12 4.67
N GLY A 11 -0.73 -10.20 4.35
CA GLY A 11 -1.48 -11.46 4.33
C GLY A 11 -1.64 -12.10 5.71
N ARG A 12 -1.36 -11.35 6.77
CA ARG A 12 -1.47 -11.78 8.16
C ARG A 12 -2.21 -10.66 8.90
N PHE A 13 -3.49 -10.50 8.56
CA PHE A 13 -4.38 -9.45 9.00
C PHE A 13 -3.68 -8.09 9.08
N GLY A 14 -3.25 -7.59 7.92
CA GLY A 14 -2.56 -6.33 7.82
C GLY A 14 -2.67 -5.75 6.42
N ILE A 15 -2.35 -4.46 6.33
CA ILE A 15 -2.42 -3.57 5.18
C ILE A 15 -0.98 -3.24 4.80
N PRO A 16 -0.39 -3.99 3.85
CA PRO A 16 0.92 -3.64 3.32
C PRO A 16 0.75 -2.42 2.41
N PHE A 17 1.74 -2.11 1.59
CA PHE A 17 1.73 -1.02 0.59
C PHE A 17 0.65 -1.13 -0.49
N PHE A 18 -0.38 -1.97 -0.34
CA PHE A 18 -1.39 -2.23 -1.37
C PHE A 18 -2.02 -0.93 -1.93
N PRO A 19 -2.33 0.14 -1.14
CA PRO A 19 -2.98 1.32 -1.70
C PRO A 19 -2.15 2.06 -2.74
N VAL A 20 -0.84 1.80 -2.88
CA VAL A 20 0.01 2.36 -3.93
C VAL A 20 -0.63 2.14 -5.29
N HIS A 21 -0.88 0.87 -5.63
CA HIS A 21 -1.36 0.44 -6.93
C HIS A 21 -2.71 1.08 -7.28
N LEU A 22 -3.56 1.30 -6.27
CA LEU A 22 -4.86 1.92 -6.39
C LEU A 22 -4.73 3.43 -6.51
N LYS A 23 -3.96 4.09 -5.65
CA LYS A 23 -3.70 5.53 -5.79
C LYS A 23 -3.03 5.81 -7.12
N ARG A 24 -2.25 4.89 -7.68
CA ARG A 24 -1.66 5.01 -9.01
C ARG A 24 -2.74 5.09 -10.07
N LEU A 25 -3.83 4.33 -9.93
CA LEU A 25 -4.97 4.42 -10.83
C LEU A 25 -5.54 5.84 -10.76
N LEU A 26 -5.77 6.34 -9.55
CA LEU A 26 -6.31 7.68 -9.34
C LEU A 26 -5.38 8.79 -9.86
N ILE A 27 -4.06 8.62 -9.71
CA ILE A 27 -3.06 9.54 -10.26
C ILE A 27 -3.20 9.55 -11.78
N LEU A 28 -3.23 8.38 -12.42
CA LEU A 28 -3.40 8.30 -13.87
C LEU A 28 -4.72 8.93 -14.31
N LEU A 29 -5.83 8.63 -13.64
CA LEU A 29 -7.11 9.27 -13.92
C LEU A 29 -7.00 10.79 -13.91
N LEU A 30 -6.30 11.36 -12.92
CA LEU A 30 -6.07 12.81 -12.84
C LEU A 30 -5.12 13.30 -13.93
N LEU A 31 -4.06 12.54 -14.22
CA LEU A 31 -2.97 12.87 -15.12
C LEU A 31 -2.61 11.66 -15.96
N SER A 1 15.39 -4.64 17.87
CA SER A 1 15.74 -5.95 17.28
C SER A 1 17.20 -5.90 16.79
N PRO A 2 17.78 -7.03 16.35
CA PRO A 2 18.86 -6.95 15.35
C PRO A 2 18.31 -6.27 14.08
N PRO A 3 19.16 -5.88 13.11
CA PRO A 3 18.68 -5.34 11.85
C PRO A 3 17.87 -6.41 11.11
N ASP A 4 16.56 -6.22 11.03
CA ASP A 4 15.57 -7.11 10.48
C ASP A 4 14.68 -6.34 9.50
N TYR A 5 13.74 -7.04 8.87
CA TYR A 5 12.88 -6.56 7.83
C TYR A 5 11.41 -6.97 8.07
N SER A 6 10.93 -6.88 9.31
CA SER A 6 9.55 -7.12 9.73
C SER A 6 8.63 -5.96 9.26
N ALA A 7 8.65 -5.70 7.96
CA ALA A 7 7.85 -4.68 7.29
C ALA A 7 6.35 -4.99 7.38
N ALA A 8 5.55 -4.04 6.87
CA ALA A 8 4.09 -4.04 6.94
C ALA A 8 3.51 -5.42 6.59
N PRO A 9 2.76 -6.05 7.52
CA PRO A 9 2.28 -7.42 7.35
C PRO A 9 1.39 -7.59 6.12
N ARG A 10 1.51 -8.77 5.50
CA ARG A 10 0.88 -9.17 4.25
C ARG A 10 0.32 -10.57 4.45
N GLY A 11 -0.90 -10.83 3.96
CA GLY A 11 -1.51 -12.15 3.99
C GLY A 11 -1.93 -12.64 5.38
N ARG A 12 -1.77 -11.82 6.41
CA ARG A 12 -2.20 -12.07 7.78
C ARG A 12 -2.59 -10.69 8.28
N PHE A 13 -3.88 -10.38 8.19
CA PHE A 13 -4.58 -9.19 8.69
C PHE A 13 -3.65 -7.98 8.85
N GLY A 14 -3.30 -7.36 7.73
CA GLY A 14 -2.34 -6.26 7.69
C GLY A 14 -2.57 -5.42 6.45
N ILE A 15 -1.94 -4.26 6.43
CA ILE A 15 -2.06 -3.25 5.39
C ILE A 15 -0.64 -3.09 4.82
N PRO A 16 -0.27 -3.90 3.81
CA PRO A 16 0.99 -3.73 3.13
C PRO A 16 0.85 -2.49 2.21
N PHE A 17 1.79 -2.29 1.31
CA PHE A 17 1.79 -1.21 0.31
C PHE A 17 0.61 -1.25 -0.68
N PHE A 18 -0.49 -1.96 -0.41
CA PHE A 18 -1.60 -2.14 -1.34
C PHE A 18 -2.12 -0.81 -1.89
N PRO A 19 -2.28 0.30 -1.12
CA PRO A 19 -2.84 1.55 -1.66
C PRO A 19 -1.91 2.28 -2.65
N VAL A 20 -0.76 1.71 -3.03
CA VAL A 20 0.11 2.24 -4.06
C VAL A 20 -0.57 2.10 -5.41
N HIS A 21 -0.75 0.86 -5.84
CA HIS A 21 -1.25 0.46 -7.14
C HIS A 21 -2.60 1.12 -7.47
N LEU A 22 -3.50 1.13 -6.48
CA LEU A 22 -4.80 1.75 -6.60
C LEU A 22 -4.69 3.27 -6.65
N LYS A 23 -3.90 3.89 -5.78
CA LYS A 23 -3.73 5.34 -5.86
C LYS A 23 -3.04 5.73 -7.16
N ARG A 24 -2.20 4.85 -7.72
CA ARG A 24 -1.58 5.06 -9.03
C ARG A 24 -2.65 5.04 -10.13
N LEU A 25 -3.71 4.25 -9.98
CA LEU A 25 -4.83 4.27 -10.90
C LEU A 25 -5.48 5.64 -10.82
N LEU A 26 -5.78 6.10 -9.60
CA LEU A 26 -6.41 7.41 -9.39
C LEU A 26 -5.54 8.56 -9.92
N ILE A 27 -4.24 8.54 -9.66
CA ILE A 27 -3.30 9.55 -10.15
C ILE A 27 -3.33 9.56 -11.68
N LEU A 28 -3.33 8.41 -12.34
CA LEU A 28 -3.45 8.34 -13.79
C LEU A 28 -4.79 8.87 -14.27
N LEU A 29 -5.89 8.46 -13.65
CA LEU A 29 -7.22 8.98 -13.97
C LEU A 29 -7.27 10.51 -13.90
N LEU A 30 -6.59 11.12 -12.93
CA LEU A 30 -6.44 12.57 -12.82
C LEU A 30 -5.52 13.13 -13.90
N LEU A 31 -4.35 12.51 -14.08
CA LEU A 31 -3.27 12.95 -14.96
C LEU A 31 -2.78 11.78 -15.79
N SER A 1 18.66 7.46 17.10
CA SER A 1 17.36 7.31 17.79
C SER A 1 17.25 5.87 18.29
N PRO A 2 16.18 5.49 19.02
CA PRO A 2 15.67 4.13 18.92
C PRO A 2 15.25 3.83 17.47
N PRO A 3 14.98 2.56 17.12
CA PRO A 3 14.43 2.20 15.82
C PRO A 3 12.96 2.62 15.74
N ASP A 4 12.31 2.31 14.61
CA ASP A 4 10.89 2.50 14.42
C ASP A 4 10.14 1.35 15.07
N TYR A 5 8.82 1.36 14.90
CA TYR A 5 7.86 0.48 15.51
C TYR A 5 6.87 -0.08 14.47
N SER A 6 7.32 -0.42 13.26
CA SER A 6 6.53 -1.03 12.19
C SER A 6 6.13 -2.48 12.48
N ALA A 7 5.64 -2.76 13.69
CA ALA A 7 5.09 -4.05 14.12
C ALA A 7 3.70 -4.31 13.50
N ALA A 8 3.16 -3.37 12.72
CA ALA A 8 1.81 -3.42 12.15
C ALA A 8 1.55 -4.75 11.42
N PRO A 9 0.34 -5.33 11.51
CA PRO A 9 0.06 -6.64 10.97
C PRO A 9 0.25 -6.66 9.45
N ARG A 10 0.84 -7.75 8.96
CA ARG A 10 1.04 -8.06 7.54
C ARG A 10 1.30 -9.56 7.45
N GLY A 11 0.94 -10.19 6.32
CA GLY A 11 1.04 -11.64 6.14
C GLY A 11 0.06 -12.44 7.02
N ARG A 12 -0.77 -11.77 7.81
CA ARG A 12 -1.85 -12.21 8.65
C ARG A 12 -2.64 -10.91 8.76
N PHE A 13 -3.84 -10.91 8.19
CA PHE A 13 -4.87 -9.86 8.21
C PHE A 13 -4.26 -8.49 8.45
N GLY A 14 -3.63 -7.93 7.41
CA GLY A 14 -2.88 -6.69 7.53
C GLY A 14 -2.84 -5.87 6.26
N ILE A 15 -2.15 -4.75 6.33
CA ILE A 15 -2.06 -3.73 5.30
C ILE A 15 -0.67 -3.75 4.64
N PRO A 16 -0.51 -4.38 3.47
CA PRO A 16 0.74 -4.30 2.74
C PRO A 16 0.75 -2.91 2.06
N PHE A 17 1.66 -2.65 1.14
CA PHE A 17 1.73 -1.40 0.36
C PHE A 17 0.52 -1.16 -0.57
N PHE A 18 -0.62 -1.84 -0.39
CA PHE A 18 -1.78 -1.81 -1.27
C PHE A 18 -2.20 -0.38 -1.70
N PRO A 19 -2.28 0.66 -0.83
CA PRO A 19 -2.80 1.95 -1.25
C PRO A 19 -1.93 2.66 -2.29
N VAL A 20 -0.65 2.30 -2.46
CA VAL A 20 0.22 2.83 -3.50
C VAL A 20 -0.44 2.66 -4.86
N HIS A 21 -0.77 1.42 -5.20
CA HIS A 21 -1.29 1.03 -6.50
C HIS A 21 -2.60 1.75 -6.84
N LEU A 22 -3.43 2.01 -5.83
CA LEU A 22 -4.70 2.72 -5.97
C LEU A 22 -4.49 4.22 -6.05
N LYS A 23 -3.62 4.81 -5.21
CA LYS A 23 -3.28 6.23 -5.32
C LYS A 23 -2.71 6.48 -6.71
N ARG A 24 -1.94 5.52 -7.25
CA ARG A 24 -1.42 5.56 -8.61
C ARG A 24 -2.55 5.46 -9.62
N LEU A 25 -3.56 4.60 -9.39
CA LEU A 25 -4.70 4.48 -10.29
C LEU A 25 -5.41 5.81 -10.41
N LEU A 26 -5.64 6.46 -9.27
CA LEU A 26 -6.24 7.80 -9.20
C LEU A 26 -5.42 8.82 -10.00
N ILE A 27 -4.12 8.88 -9.74
CA ILE A 27 -3.22 9.80 -10.45
C ILE A 27 -3.29 9.54 -11.96
N LEU A 28 -3.27 8.27 -12.39
CA LEU A 28 -3.44 7.91 -13.80
C LEU A 28 -4.78 8.36 -14.34
N LEU A 29 -5.88 8.11 -13.64
CA LEU A 29 -7.21 8.57 -14.07
C LEU A 29 -7.23 10.08 -14.28
N LEU A 30 -6.52 10.86 -13.46
CA LEU A 30 -6.38 12.30 -13.65
C LEU A 30 -5.47 12.62 -14.84
N LEU A 31 -4.32 11.95 -14.94
CA LEU A 31 -3.28 12.18 -15.91
C LEU A 31 -2.81 10.84 -16.50
N SER A 1 16.16 10.37 4.30
CA SER A 1 15.83 9.17 5.08
C SER A 1 16.04 7.94 4.18
N PRO A 2 15.90 6.71 4.70
CA PRO A 2 15.42 5.61 3.87
C PRO A 2 13.98 5.90 3.39
N PRO A 3 13.44 5.11 2.44
CA PRO A 3 12.06 5.22 2.02
C PRO A 3 11.19 4.60 3.14
N ASP A 4 9.88 4.44 2.90
CA ASP A 4 9.03 3.73 3.82
C ASP A 4 9.38 2.25 3.67
N TYR A 5 8.87 1.49 4.61
CA TYR A 5 9.12 0.08 4.81
C TYR A 5 7.80 -0.68 5.02
N SER A 6 6.72 -0.24 4.40
CA SER A 6 5.37 -0.80 4.53
C SER A 6 5.21 -2.19 3.86
N ALA A 7 6.27 -3.01 3.82
CA ALA A 7 6.25 -4.39 3.33
C ALA A 7 5.61 -5.33 4.38
N ALA A 8 4.66 -4.82 5.15
CA ALA A 8 3.98 -5.44 6.29
C ALA A 8 3.38 -6.81 5.94
N PRO A 9 2.97 -7.61 6.95
CA PRO A 9 2.26 -8.87 6.70
C PRO A 9 1.00 -8.62 5.89
N ARG A 10 0.51 -9.69 5.24
CA ARG A 10 -0.62 -9.61 4.32
C ARG A 10 -1.27 -10.98 4.27
N GLY A 11 -2.57 -11.03 3.98
CA GLY A 11 -3.37 -12.26 3.96
C GLY A 11 -3.56 -12.92 5.33
N ARG A 12 -2.97 -12.34 6.39
CA ARG A 12 -3.08 -12.68 7.79
C ARG A 12 -2.75 -11.35 8.46
N PHE A 13 -3.81 -10.71 8.97
CA PHE A 13 -3.83 -9.47 9.75
C PHE A 13 -2.66 -8.53 9.48
N GLY A 14 -2.69 -7.84 8.34
CA GLY A 14 -1.72 -6.82 8.01
C GLY A 14 -2.14 -6.10 6.74
N ILE A 15 -1.61 -4.89 6.56
CA ILE A 15 -1.91 -3.93 5.52
C ILE A 15 -0.54 -3.46 5.03
N PRO A 16 -0.05 -3.97 3.89
CA PRO A 16 1.17 -3.47 3.28
C PRO A 16 0.85 -2.17 2.54
N PHE A 17 1.79 -1.67 1.73
CA PHE A 17 1.70 -0.53 0.83
C PHE A 17 0.58 -0.62 -0.24
N PHE A 18 -0.44 -1.47 -0.07
CA PHE A 18 -1.47 -1.75 -1.07
C PHE A 18 -2.07 -0.46 -1.69
N PRO A 19 -2.36 0.66 -0.96
CA PRO A 19 -2.98 1.83 -1.56
C PRO A 19 -2.12 2.53 -2.61
N VAL A 20 -0.82 2.24 -2.73
CA VAL A 20 0.06 2.75 -3.78
C VAL A 20 -0.56 2.58 -5.16
N HIS A 21 -0.79 1.33 -5.52
CA HIS A 21 -1.24 0.91 -6.83
C HIS A 21 -2.57 1.57 -7.20
N LEU A 22 -3.47 1.67 -6.23
CA LEU A 22 -4.78 2.29 -6.34
C LEU A 22 -4.66 3.81 -6.44
N LYS A 23 -3.88 4.47 -5.59
CA LYS A 23 -3.66 5.91 -5.74
C LYS A 23 -2.99 6.20 -7.08
N ARG A 24 -2.15 5.29 -7.57
CA ARG A 24 -1.54 5.40 -8.90
C ARG A 24 -2.60 5.25 -9.99
N LEU A 25 -3.62 4.42 -9.79
CA LEU A 25 -4.75 4.31 -10.71
C LEU A 25 -5.46 5.65 -10.77
N LEU A 26 -5.78 6.24 -9.61
CA LEU A 26 -6.42 7.55 -9.52
C LEU A 26 -5.59 8.64 -10.19
N ILE A 27 -4.28 8.69 -9.92
CA ILE A 27 -3.38 9.66 -10.53
C ILE A 27 -3.38 9.49 -12.05
N LEU A 28 -3.35 8.26 -12.56
CA LEU A 28 -3.44 8.02 -14.00
C LEU A 28 -4.79 8.48 -14.55
N LEU A 29 -5.89 8.13 -13.91
CA LEU A 29 -7.22 8.58 -14.33
C LEU A 29 -7.29 10.12 -14.42
N LEU A 30 -6.63 10.83 -13.50
CA LEU A 30 -6.52 12.28 -13.53
C LEU A 30 -5.59 12.75 -14.66
N LEU A 31 -4.43 12.11 -14.80
CA LEU A 31 -3.36 12.46 -15.71
C LEU A 31 -2.85 11.21 -16.42
#